data_4X5N
#
_entry.id   4X5N
#
_cell.length_a   118.010
_cell.length_b   34.630
_cell.length_c   123.220
_cell.angle_alpha   90.00
_cell.angle_beta   102.93
_cell.angle_gamma   90.00
#
_symmetry.space_group_name_H-M   'C 1 2 1'
#
_entity_poly.entity_id   1
_entity_poly.type   'polypeptide(L)'
_entity_poly.pdbx_seq_one_letter_code
;MDTILLTGLFAAFFTTFAFAPQSIKTIRTRNTEGISVVMYIMFLTGVISWIAYGIMRSDFAVLIANIVTLFLAAPVLVIT
LINRRKKHVLESSGENLYFQ
;
_entity_poly.pdbx_strand_id   A,B,C,D
#
# COMPACT_ATOMS: atom_id res chain seq x y z
N ASP A 2 0.78 -18.70 -3.70
CA ASP A 2 -0.24 -17.88 -4.35
C ASP A 2 -1.46 -17.70 -3.46
N THR A 3 -2.06 -18.82 -3.04
CA THR A 3 -3.18 -18.77 -2.12
C THR A 3 -2.68 -18.42 -0.72
N ILE A 4 -1.47 -18.86 -0.43
CA ILE A 4 -0.82 -18.58 0.85
C ILE A 4 -0.42 -17.12 0.94
N LEU A 5 0.20 -16.63 -0.13
CA LEU A 5 0.62 -15.23 -0.21
C LEU A 5 -0.61 -14.32 -0.21
N LEU A 6 -1.72 -14.84 -0.74
CA LEU A 6 -2.99 -14.14 -0.72
C LEU A 6 -3.47 -13.93 0.71
N THR A 7 -3.24 -14.93 1.55
CA THR A 7 -3.65 -14.88 2.95
C THR A 7 -2.80 -13.90 3.75
N GLY A 8 -1.51 -13.84 3.43
CA GLY A 8 -0.59 -12.96 4.13
C GLY A 8 -0.87 -11.50 3.86
N LEU A 9 -1.24 -11.17 2.62
CA LEU A 9 -1.51 -9.79 2.25
C LEU A 9 -2.82 -9.30 2.88
N PHE A 10 -3.80 -10.19 2.97
CA PHE A 10 -5.05 -9.90 3.66
C PHE A 10 -4.78 -9.60 5.13
N ALA A 11 -3.91 -10.42 5.72
CA ALA A 11 -3.49 -10.22 7.11
C ALA A 11 -2.68 -8.93 7.25
N ALA A 12 -1.77 -8.72 6.31
CA ALA A 12 -0.93 -7.52 6.31
C ALA A 12 -1.77 -6.25 6.26
N PHE A 13 -2.66 -6.17 5.27
CA PHE A 13 -3.48 -4.97 5.05
C PHE A 13 -4.22 -4.52 6.31
N PHE A 14 -4.86 -5.47 6.99
CA PHE A 14 -5.68 -5.15 8.16
C PHE A 14 -4.86 -4.71 9.36
N THR A 15 -3.76 -5.41 9.64
CA THR A 15 -2.92 -5.09 10.80
C THR A 15 -2.18 -3.75 10.68
N THR A 16 -1.63 -3.46 9.50
CA THR A 16 -0.85 -2.25 9.31
C THR A 16 -1.70 -1.02 9.02
N PHE A 17 -2.92 -1.22 8.55
CA PHE A 17 -3.77 -0.09 8.17
C PHE A 17 -4.98 0.11 9.08
N ALA A 18 -5.11 -0.71 10.12
CA ALA A 18 -6.20 -0.54 11.08
C ALA A 18 -6.02 0.76 11.86
N PHE A 19 -4.82 0.96 12.39
CA PHE A 19 -4.53 2.13 13.22
C PHE A 19 -3.66 3.16 12.49
N ALA A 20 -3.52 2.99 11.18
CA ALA A 20 -2.82 3.97 10.35
C ALA A 20 -3.44 5.38 10.37
N PRO A 21 -4.79 5.49 10.37
CA PRO A 21 -5.39 6.83 10.46
C PRO A 21 -4.93 7.64 11.67
N GLN A 22 -4.68 6.98 12.79
CA GLN A 22 -4.28 7.69 13.99
C GLN A 22 -2.86 8.25 13.86
N SER A 23 -1.98 7.50 13.23
CA SER A 23 -0.60 7.95 13.01
C SER A 23 -0.55 9.10 12.00
N ILE A 24 -1.26 8.94 10.88
CA ILE A 24 -1.37 10.01 9.87
C ILE A 24 -1.95 11.28 10.48
N LYS A 25 -2.96 11.10 11.33
CA LYS A 25 -3.55 12.21 12.07
C LYS A 25 -2.49 12.91 12.92
N THR A 26 -1.75 12.12 13.70
CA THR A 26 -0.77 12.64 14.64
C THR A 26 0.40 13.30 13.92
N ILE A 27 0.74 12.78 12.75
CA ILE A 27 1.80 13.34 11.91
C ILE A 27 1.45 14.77 11.48
N ARG A 28 0.23 14.95 10.98
CA ARG A 28 -0.22 16.26 10.53
C ARG A 28 -0.45 17.23 11.69
N THR A 29 -1.22 16.80 12.69
CA THR A 29 -1.56 17.65 13.83
C THR A 29 -0.35 17.97 14.71
N ARG A 30 0.64 17.08 14.69
CA ARG A 30 1.83 17.20 15.53
C ARG A 30 1.50 17.29 17.03
N ASN A 31 0.40 16.65 17.42
CA ASN A 31 0.08 16.49 18.84
C ASN A 31 0.70 15.20 19.36
N THR A 32 1.97 15.27 19.74
CA THR A 32 2.70 14.09 20.19
C THR A 32 2.69 13.96 21.71
N GLU A 33 1.67 14.56 22.33
CA GLU A 33 1.49 14.46 23.77
C GLU A 33 0.98 13.07 24.15
N GLY A 34 1.55 12.50 25.21
CA GLY A 34 1.19 11.16 25.64
C GLY A 34 1.80 10.10 24.73
N ILE A 35 2.91 10.45 24.09
CA ILE A 35 3.62 9.50 23.25
C ILE A 35 5.00 9.17 23.84
N SER A 36 5.25 7.87 24.03
CA SER A 36 6.50 7.41 24.61
C SER A 36 7.62 7.37 23.57
N VAL A 37 8.73 8.02 23.89
CA VAL A 37 9.94 7.92 23.07
C VAL A 37 10.43 6.48 23.09
N VAL A 38 10.55 5.93 24.29
CA VAL A 38 11.07 4.59 24.50
C VAL A 38 10.23 3.50 23.82
N MET A 39 8.92 3.53 24.03
CA MET A 39 8.05 2.50 23.45
C MET A 39 8.10 2.51 21.93
N TYR A 40 8.36 3.69 21.35
CA TYR A 40 8.53 3.80 19.91
C TYR A 40 9.92 3.33 19.48
N ILE A 41 10.92 3.61 20.31
CA ILE A 41 12.27 3.10 20.06
C ILE A 41 12.23 1.57 19.96
N MET A 42 11.63 0.92 20.96
CA MET A 42 11.45 -0.53 20.96
C MET A 42 10.71 -1.01 19.74
N PHE A 43 9.58 -0.35 19.44
CA PHE A 43 8.74 -0.71 18.31
C PHE A 43 9.51 -0.71 16.99
N LEU A 44 10.16 0.40 16.68
CA LEU A 44 10.88 0.53 15.41
C LEU A 44 12.06 -0.42 15.33
N THR A 45 12.63 -0.80 16.48
CA THR A 45 13.74 -1.75 16.51
C THR A 45 13.27 -3.12 16.02
N GLY A 46 12.09 -3.53 16.48
CA GLY A 46 11.52 -4.80 16.05
C GLY A 46 11.12 -4.76 14.59
N VAL A 47 10.64 -3.59 14.16
CA VAL A 47 10.20 -3.42 12.78
C VAL A 47 11.34 -3.67 11.80
N ILE A 48 12.47 -3.02 12.03
CA ILE A 48 13.65 -3.21 11.20
C ILE A 48 14.15 -4.65 11.29
N SER A 49 14.03 -5.23 12.48
CA SER A 49 14.39 -6.63 12.67
C SER A 49 13.47 -7.53 11.86
N TRP A 50 12.19 -7.16 11.81
CA TRP A 50 11.21 -7.89 11.00
C TRP A 50 11.52 -7.76 9.50
N ILE A 51 11.98 -6.58 9.12
CA ILE A 51 12.40 -6.34 7.74
C ILE A 51 13.54 -7.28 7.38
N ALA A 52 14.47 -7.46 8.32
CA ALA A 52 15.59 -8.38 8.13
C ALA A 52 15.10 -9.82 8.06
N TYR A 53 14.05 -10.12 8.82
CA TYR A 53 13.50 -11.46 8.85
C TYR A 53 12.80 -11.80 7.54
N GLY A 54 12.08 -10.82 6.99
CA GLY A 54 11.40 -10.99 5.72
C GLY A 54 12.37 -11.28 4.58
N ILE A 55 13.51 -10.61 4.61
CA ILE A 55 14.58 -10.86 3.66
C ILE A 55 15.16 -12.26 3.85
N MET A 56 15.38 -12.63 5.10
CA MET A 56 15.98 -13.91 5.45
C MET A 56 15.13 -15.10 5.03
N ARG A 57 13.81 -14.99 5.21
CA ARG A 57 12.93 -16.12 4.95
C ARG A 57 12.16 -15.95 3.64
N SER A 58 12.53 -14.95 2.86
CA SER A 58 11.89 -14.66 1.57
C SER A 58 10.37 -14.52 1.70
N ASP A 59 9.94 -13.93 2.80
CA ASP A 59 8.51 -13.73 3.05
C ASP A 59 8.12 -12.32 2.63
N PHE A 60 7.56 -12.21 1.44
CA PHE A 60 7.15 -10.93 0.87
C PHE A 60 6.15 -10.21 1.77
N ALA A 61 5.15 -10.95 2.25
CA ALA A 61 4.05 -10.37 3.02
C ALA A 61 4.50 -9.68 4.30
N VAL A 62 5.28 -10.37 5.13
CA VAL A 62 5.74 -9.81 6.39
C VAL A 62 6.74 -8.67 6.17
N LEU A 63 7.39 -8.67 5.00
CA LEU A 63 8.38 -7.64 4.70
C LEU A 63 7.73 -6.29 4.43
N ILE A 64 6.89 -6.23 3.39
CA ILE A 64 6.21 -5.00 3.01
C ILE A 64 5.29 -4.49 4.11
N ALA A 65 4.79 -5.40 4.92
CA ALA A 65 3.94 -5.01 6.05
C ALA A 65 4.74 -4.16 7.01
N ASN A 66 5.96 -4.61 7.31
CA ASN A 66 6.81 -3.87 8.22
C ASN A 66 7.54 -2.72 7.53
N ILE A 67 7.57 -2.75 6.20
CA ILE A 67 8.16 -1.64 5.44
C ILE A 67 7.26 -0.41 5.54
N VAL A 68 5.98 -0.60 5.22
CA VAL A 68 5.00 0.47 5.30
C VAL A 68 4.83 0.94 6.75
N THR A 69 4.68 -0.02 7.67
CA THR A 69 4.52 0.31 9.09
C THR A 69 5.67 1.17 9.62
N LEU A 70 6.83 1.08 8.98
CA LEU A 70 7.98 1.87 9.39
C LEU A 70 7.77 3.35 9.05
N PHE A 71 7.11 3.60 7.93
CA PHE A 71 6.86 4.97 7.46
C PHE A 71 5.67 5.63 8.16
N LEU A 72 4.95 4.84 8.95
CA LEU A 72 3.88 5.38 9.80
C LEU A 72 4.43 5.77 11.15
N ALA A 73 5.42 4.99 11.61
CA ALA A 73 5.94 5.13 12.97
C ALA A 73 7.13 6.09 13.05
N ALA A 74 8.04 6.00 12.08
CA ALA A 74 9.25 6.82 12.08
C ALA A 74 8.98 8.32 12.14
N PRO A 75 8.04 8.85 11.33
CA PRO A 75 7.75 10.28 11.46
C PRO A 75 7.22 10.67 12.83
N VAL A 76 6.40 9.82 13.45
CA VAL A 76 5.87 10.07 14.77
C VAL A 76 6.97 10.26 15.81
N LEU A 77 7.98 9.39 15.76
CA LEU A 77 9.09 9.46 16.71
C LEU A 77 10.00 10.65 16.42
N VAL A 78 10.19 10.96 15.14
CA VAL A 78 11.00 12.11 14.75
C VAL A 78 10.33 13.40 15.19
N ILE A 79 9.02 13.49 14.95
CA ILE A 79 8.26 14.68 15.33
C ILE A 79 8.17 14.82 16.85
N THR A 80 7.93 13.73 17.57
CA THR A 80 7.81 13.84 19.03
C THR A 80 9.15 14.20 19.67
N LEU A 81 10.26 13.87 19.02
CA LEU A 81 11.57 14.28 19.50
C LEU A 81 11.77 15.79 19.31
N ILE A 82 11.26 16.32 18.21
CA ILE A 82 11.32 17.74 17.92
C ILE A 82 10.47 18.52 18.94
N ASN A 83 9.30 17.98 19.23
CA ASN A 83 8.39 18.61 20.19
C ASN A 83 8.96 18.65 21.61
N ARG A 84 9.46 17.50 22.07
CA ARG A 84 10.09 17.43 23.38
C ARG A 84 11.32 18.33 23.44
N ARG A 85 12.04 18.42 22.33
CA ARG A 85 13.17 19.32 22.21
C ARG A 85 12.71 20.77 22.34
N LYS A 86 11.73 21.14 21.51
CA LYS A 86 11.20 22.50 21.48
C LYS A 86 10.69 22.94 22.86
N LYS A 87 10.06 22.02 23.57
CA LYS A 87 9.56 22.29 24.92
C LYS A 87 10.70 22.54 25.91
N HIS A 88 11.82 21.84 25.70
CA HIS A 88 12.97 21.92 26.60
C HIS A 88 13.72 23.26 26.50
N VAL A 89 14.03 23.71 25.28
CA VAL A 89 14.73 24.99 25.10
C VAL A 89 13.84 26.18 25.48
N LEU A 90 12.56 26.07 25.17
CA LEU A 90 11.59 27.10 25.53
C LEU A 90 11.48 27.23 27.05
N GLU A 91 11.49 26.09 27.73
CA GLU A 91 11.40 26.07 29.18
C GLU A 91 12.69 26.58 29.83
N SER A 92 13.82 26.25 29.19
CA SER A 92 15.13 26.64 29.69
C SER A 92 15.29 28.17 29.72
N ASP B 2 18.71 -21.31 12.65
CA ASP B 2 19.08 -20.84 13.97
C ASP B 2 19.24 -19.32 14.00
N THR B 3 20.03 -18.79 13.06
CA THR B 3 20.23 -17.34 12.95
C THR B 3 18.95 -16.63 12.53
N ILE B 4 18.23 -17.26 11.60
CA ILE B 4 16.99 -16.70 11.08
C ILE B 4 15.92 -16.67 12.18
N LEU B 5 15.79 -17.77 12.90
CA LEU B 5 14.78 -17.89 13.96
C LEU B 5 15.11 -17.02 15.17
N LEU B 6 16.40 -16.88 15.46
CA LEU B 6 16.85 -16.00 16.54
C LEU B 6 16.51 -14.55 16.21
N THR B 7 16.74 -14.16 14.96
CA THR B 7 16.46 -12.80 14.51
C THR B 7 14.96 -12.52 14.59
N GLY B 8 14.16 -13.49 14.17
CA GLY B 8 12.72 -13.35 14.18
C GLY B 8 12.11 -13.24 15.57
N LEU B 9 12.62 -14.04 16.51
CA LEU B 9 12.14 -13.97 17.89
C LEU B 9 12.51 -12.64 18.53
N PHE B 10 13.63 -12.07 18.12
CA PHE B 10 14.03 -10.74 18.59
C PHE B 10 13.12 -9.67 17.99
N ALA B 11 12.77 -9.87 16.72
CA ALA B 11 11.79 -9.02 16.05
C ALA B 11 10.43 -9.20 16.71
N ALA B 12 10.07 -10.45 17.00
CA ALA B 12 8.79 -10.75 17.64
C ALA B 12 8.64 -10.04 18.97
N PHE B 13 9.59 -10.28 19.86
CA PHE B 13 9.58 -9.72 21.22
C PHE B 13 9.38 -8.20 21.24
N PHE B 14 10.13 -7.50 20.40
CA PHE B 14 10.11 -6.04 20.40
C PHE B 14 8.81 -5.47 19.87
N THR B 15 8.21 -6.12 18.87
CA THR B 15 7.00 -5.59 18.24
C THR B 15 5.77 -5.71 19.13
N THR B 16 5.59 -6.87 19.77
CA THR B 16 4.38 -7.12 20.54
C THR B 16 4.43 -6.60 21.96
N PHE B 17 5.64 -6.47 22.52
CA PHE B 17 5.76 -6.09 23.91
C PHE B 17 6.15 -4.62 24.11
N ALA B 18 6.35 -3.89 23.01
CA ALA B 18 6.70 -2.48 23.12
C ALA B 18 5.56 -1.67 23.71
N PHE B 19 4.36 -1.81 23.15
CA PHE B 19 3.21 -1.04 23.58
C PHE B 19 2.25 -1.88 24.44
N ALA B 20 2.67 -3.09 24.77
CA ALA B 20 1.89 -3.97 25.65
C ALA B 20 1.55 -3.38 27.02
N PRO B 21 2.45 -2.57 27.62
CA PRO B 21 2.04 -2.00 28.91
C PRO B 21 0.76 -1.17 28.86
N GLN B 22 0.45 -0.56 27.71
CA GLN B 22 -0.77 0.23 27.58
C GLN B 22 -2.01 -0.66 27.47
N SER B 23 -1.87 -1.80 26.80
CA SER B 23 -2.96 -2.77 26.70
C SER B 23 -3.27 -3.35 28.08
N ILE B 24 -2.23 -3.80 28.78
CA ILE B 24 -2.36 -4.34 30.14
C ILE B 24 -2.95 -3.30 31.09
N LYS B 25 -2.46 -2.07 30.99
CA LYS B 25 -2.96 -0.98 31.83
C LYS B 25 -4.44 -0.75 31.58
N THR B 26 -4.83 -0.74 30.30
CA THR B 26 -6.21 -0.48 29.92
C THR B 26 -7.15 -1.58 30.42
N ILE B 27 -6.68 -2.82 30.38
CA ILE B 27 -7.44 -3.96 30.88
C ILE B 27 -7.71 -3.83 32.38
N ARG B 28 -6.67 -3.53 33.14
CA ARG B 28 -6.80 -3.34 34.59
C ARG B 28 -7.62 -2.10 34.92
N THR B 29 -7.26 -0.97 34.34
CA THR B 29 -7.88 0.30 34.68
C THR B 29 -9.31 0.42 34.13
N ARG B 30 -9.61 -0.35 33.08
CA ARG B 30 -10.89 -0.27 32.36
C ARG B 30 -11.21 1.14 31.88
N ASN B 31 -10.20 1.85 31.39
CA ASN B 31 -10.41 3.15 30.79
C ASN B 31 -10.38 3.07 29.27
N THR B 32 -11.55 2.86 28.67
CA THR B 32 -11.64 2.68 27.23
C THR B 32 -12.32 3.89 26.57
N GLU B 33 -11.96 5.08 27.04
CA GLU B 33 -12.68 6.29 26.64
C GLU B 33 -12.42 6.72 25.19
N GLY B 34 -11.21 6.46 24.71
CA GLY B 34 -10.85 6.87 23.37
C GLY B 34 -10.74 5.72 22.38
N ILE B 35 -11.00 4.51 22.86
CA ILE B 35 -10.81 3.32 22.05
C ILE B 35 -11.85 3.21 20.94
N SER B 36 -11.37 2.90 19.73
CA SER B 36 -12.26 2.69 18.59
C SER B 36 -12.59 1.22 18.44
N VAL B 37 -13.88 0.90 18.51
CA VAL B 37 -14.33 -0.49 18.36
C VAL B 37 -13.98 -1.05 16.98
N VAL B 38 -14.28 -0.26 15.95
CA VAL B 38 -14.07 -0.68 14.57
C VAL B 38 -12.59 -0.92 14.26
N MET B 39 -11.73 -0.04 14.75
CA MET B 39 -10.30 -0.15 14.47
C MET B 39 -9.68 -1.38 15.12
N TYR B 40 -10.26 -1.83 16.23
CA TYR B 40 -9.78 -3.04 16.89
C TYR B 40 -10.29 -4.30 16.18
N ILE B 41 -11.51 -4.22 15.65
CA ILE B 41 -12.09 -5.33 14.90
C ILE B 41 -11.21 -5.69 13.69
N MET B 42 -10.86 -4.68 12.89
CA MET B 42 -9.96 -4.85 11.76
C MET B 42 -8.63 -5.45 12.20
N PHE B 43 -8.04 -4.85 13.23
CA PHE B 43 -6.75 -5.27 13.78
C PHE B 43 -6.76 -6.75 14.15
N LEU B 44 -7.83 -7.17 14.82
CA LEU B 44 -7.96 -8.56 15.23
C LEU B 44 -8.17 -9.47 14.03
N THR B 45 -8.86 -8.97 13.01
CA THR B 45 -9.07 -9.74 11.78
C THR B 45 -7.73 -10.06 11.13
N GLY B 46 -6.84 -9.06 11.10
CA GLY B 46 -5.51 -9.27 10.61
C GLY B 46 -4.74 -10.26 11.47
N VAL B 47 -4.96 -10.18 12.78
CA VAL B 47 -4.26 -11.06 13.73
C VAL B 47 -4.60 -12.53 13.52
N ILE B 48 -5.88 -12.86 13.55
CA ILE B 48 -6.34 -14.22 13.29
C ILE B 48 -5.82 -14.71 11.95
N SER B 49 -5.81 -13.83 10.95
CA SER B 49 -5.33 -14.18 9.63
C SER B 49 -3.83 -14.48 9.64
N TRP B 50 -3.08 -13.67 10.40
CA TRP B 50 -1.65 -13.89 10.56
C TRP B 50 -1.37 -15.26 11.15
N ILE B 51 -2.19 -15.67 12.11
CA ILE B 51 -2.08 -16.99 12.72
C ILE B 51 -2.25 -18.08 11.67
N ALA B 52 -3.22 -17.88 10.78
CA ALA B 52 -3.49 -18.80 9.69
C ALA B 52 -2.34 -18.82 8.69
N TYR B 53 -1.77 -17.64 8.44
CA TYR B 53 -0.64 -17.51 7.53
C TYR B 53 0.60 -18.20 8.10
N GLY B 54 0.74 -18.15 9.42
CA GLY B 54 1.86 -18.79 10.10
C GLY B 54 1.79 -20.31 10.01
N ILE B 55 0.58 -20.85 10.17
CA ILE B 55 0.34 -22.29 10.04
C ILE B 55 0.72 -22.77 8.64
N MET B 56 0.31 -22.01 7.63
CA MET B 56 0.57 -22.34 6.24
C MET B 56 2.05 -22.33 5.85
N ARG B 57 2.77 -21.32 6.31
CA ARG B 57 4.16 -21.13 5.90
C ARG B 57 5.14 -21.78 6.87
N SER B 58 4.60 -22.39 7.93
CA SER B 58 5.42 -22.99 8.99
C SER B 58 6.43 -21.98 9.55
N ASP B 59 5.91 -20.88 10.09
CA ASP B 59 6.73 -19.82 10.66
C ASP B 59 6.38 -19.61 12.13
N PHE B 60 7.27 -20.01 13.02
CA PHE B 60 7.00 -19.96 14.46
C PHE B 60 6.86 -18.52 14.94
N ALA B 61 7.78 -17.67 14.51
CA ALA B 61 7.85 -16.27 14.94
C ALA B 61 6.56 -15.49 14.68
N VAL B 62 6.04 -15.56 13.46
CA VAL B 62 4.84 -14.83 13.11
C VAL B 62 3.61 -15.46 13.77
N LEU B 63 3.72 -16.74 14.13
CA LEU B 63 2.65 -17.44 14.81
C LEU B 63 2.58 -17.02 16.27
N ILE B 64 3.68 -17.22 17.00
CA ILE B 64 3.73 -16.92 18.43
C ILE B 64 3.47 -15.43 18.71
N ALA B 65 3.93 -14.57 17.81
CA ALA B 65 3.81 -13.13 18.00
C ALA B 65 2.34 -12.69 18.00
N ASN B 66 1.62 -13.06 16.95
CA ASN B 66 0.23 -12.64 16.80
C ASN B 66 -0.72 -13.42 17.70
N ILE B 67 -0.33 -14.60 18.15
CA ILE B 67 -1.13 -15.35 19.11
C ILE B 67 -1.16 -14.60 20.44
N VAL B 68 0.02 -14.13 20.86
CA VAL B 68 0.13 -13.27 22.04
C VAL B 68 -0.58 -11.94 21.82
N THR B 69 -0.37 -11.33 20.66
CA THR B 69 -0.97 -10.04 20.35
C THR B 69 -2.49 -10.15 20.22
N LEU B 70 -2.97 -11.36 19.97
CA LEU B 70 -4.41 -11.62 19.97
C LEU B 70 -4.94 -11.55 21.40
N PHE B 71 -4.21 -12.18 22.31
CA PHE B 71 -4.66 -12.27 23.70
C PHE B 71 -4.50 -10.97 24.47
N LEU B 72 -3.73 -10.02 23.93
CA LEU B 72 -3.58 -8.73 24.59
C LEU B 72 -4.63 -7.75 24.09
N ALA B 73 -5.08 -7.94 22.86
CA ALA B 73 -6.00 -7.00 22.23
C ALA B 73 -7.45 -7.43 22.39
N ALA B 74 -7.70 -8.74 22.43
CA ALA B 74 -9.06 -9.27 22.51
C ALA B 74 -9.83 -8.80 23.75
N PRO B 75 -9.23 -8.86 24.96
CA PRO B 75 -9.96 -8.33 26.12
C PRO B 75 -10.25 -6.84 26.01
N VAL B 76 -9.32 -6.06 25.44
CA VAL B 76 -9.51 -4.64 25.24
C VAL B 76 -10.75 -4.36 24.39
N LEU B 77 -10.95 -5.18 23.37
CA LEU B 77 -12.12 -5.04 22.52
C LEU B 77 -13.40 -5.41 23.26
N VAL B 78 -13.35 -6.52 24.00
CA VAL B 78 -14.50 -7.00 24.78
C VAL B 78 -14.91 -6.00 25.85
N ILE B 79 -13.93 -5.49 26.60
CA ILE B 79 -14.18 -4.49 27.63
C ILE B 79 -14.74 -3.21 27.03
N THR B 80 -14.19 -2.80 25.89
CA THR B 80 -14.65 -1.59 25.21
C THR B 80 -16.12 -1.70 24.80
N LEU B 81 -16.49 -2.88 24.30
CA LEU B 81 -17.86 -3.14 23.89
C LEU B 81 -18.82 -3.16 25.09
N ILE B 82 -18.35 -3.71 26.21
CA ILE B 82 -19.13 -3.73 27.44
C ILE B 82 -19.38 -2.31 27.96
N ASN B 83 -18.33 -1.49 27.96
CA ASN B 83 -18.44 -0.10 28.41
C ASN B 83 -19.44 0.70 27.58
N ARG B 84 -19.43 0.47 26.27
CA ARG B 84 -20.38 1.14 25.38
C ARG B 84 -21.81 0.66 25.66
N ARG B 85 -21.94 -0.62 25.95
CA ARG B 85 -23.24 -1.20 26.28
C ARG B 85 -23.76 -0.62 27.59
N LYS B 86 -22.84 -0.40 28.53
CA LYS B 86 -23.18 0.22 29.81
C LYS B 86 -23.60 1.68 29.60
N LYS B 87 -23.03 2.31 28.58
CA LYS B 87 -23.37 3.68 28.24
C LYS B 87 -24.76 3.77 27.61
N HIS B 88 -25.10 2.76 26.80
CA HIS B 88 -26.39 2.71 26.14
C HIS B 88 -27.54 2.59 27.15
N VAL B 89 -27.39 1.67 28.10
CA VAL B 89 -28.39 1.46 29.13
C VAL B 89 -28.50 2.67 30.06
N LEU B 90 -27.36 3.24 30.42
CA LEU B 90 -27.31 4.41 31.28
C LEU B 90 -27.99 5.61 30.61
N GLU B 91 -27.74 5.78 29.32
CA GLU B 91 -28.35 6.87 28.57
C GLU B 91 -29.85 6.61 28.37
N SER B 92 -30.22 5.35 28.22
CA SER B 92 -31.61 4.96 28.01
C SER B 92 -32.47 5.22 29.25
N SER B 93 -31.87 5.06 30.42
CA SER B 93 -32.55 5.26 31.69
C SER B 93 -32.99 6.71 31.86
N MET C 1 -8.03 29.45 -15.16
CA MET C 1 -8.95 28.44 -14.67
C MET C 1 -9.50 27.60 -15.82
N ASP C 2 -9.94 28.28 -16.87
CA ASP C 2 -10.45 27.61 -18.07
C ASP C 2 -9.33 26.84 -18.77
N THR C 3 -8.15 27.46 -18.82
CA THR C 3 -6.98 26.87 -19.47
C THR C 3 -6.41 25.73 -18.65
N ILE C 4 -6.61 25.80 -17.34
CA ILE C 4 -6.12 24.77 -16.44
C ILE C 4 -7.12 23.61 -16.39
N LEU C 5 -8.41 23.93 -16.49
CA LEU C 5 -9.45 22.90 -16.52
C LEU C 5 -9.25 22.05 -17.77
N LEU C 6 -8.84 22.71 -18.84
CA LEU C 6 -8.50 22.08 -20.11
C LEU C 6 -7.45 20.98 -19.98
N THR C 7 -6.29 21.33 -19.44
CA THR C 7 -5.17 20.39 -19.35
C THR C 7 -5.47 19.28 -18.33
N GLY C 8 -6.47 19.52 -17.48
CA GLY C 8 -6.94 18.50 -16.56
C GLY C 8 -7.63 17.37 -17.30
N LEU C 9 -8.63 17.72 -18.11
CA LEU C 9 -9.31 16.77 -18.97
C LEU C 9 -8.36 16.10 -19.95
N PHE C 10 -7.41 16.88 -20.46
CA PHE C 10 -6.45 16.39 -21.44
C PHE C 10 -5.56 15.30 -20.82
N ALA C 11 -5.07 15.55 -19.61
CA ALA C 11 -4.28 14.58 -18.89
C ALA C 11 -5.13 13.41 -18.42
N ALA C 12 -6.37 13.70 -18.04
CA ALA C 12 -7.29 12.67 -17.57
C ALA C 12 -7.64 11.69 -18.68
N PHE C 13 -7.93 12.21 -19.86
CA PHE C 13 -8.31 11.37 -21.01
C PHE C 13 -7.22 10.38 -21.36
N PHE C 14 -6.00 10.89 -21.49
CA PHE C 14 -4.86 10.10 -21.93
C PHE C 14 -4.55 8.93 -20.99
N THR C 15 -4.54 9.18 -19.69
CA THR C 15 -4.20 8.13 -18.73
C THR C 15 -5.34 7.14 -18.54
N THR C 16 -6.55 7.55 -18.90
CA THR C 16 -7.74 6.72 -18.75
C THR C 16 -7.97 5.80 -19.95
N PHE C 17 -7.68 6.30 -21.14
CA PHE C 17 -7.96 5.58 -22.38
C PHE C 17 -6.71 5.00 -23.04
N ALA C 18 -5.55 5.21 -22.41
CA ALA C 18 -4.30 4.66 -22.94
C ALA C 18 -4.35 3.14 -23.02
N PHE C 19 -4.95 2.52 -22.01
CA PHE C 19 -4.99 1.07 -21.90
C PHE C 19 -5.89 0.41 -22.95
N ALA C 20 -6.79 1.19 -23.54
CA ALA C 20 -7.75 0.65 -24.50
C ALA C 20 -7.09 0.07 -25.77
N PRO C 21 -6.09 0.78 -26.35
CA PRO C 21 -5.37 0.14 -27.45
C PRO C 21 -4.65 -1.16 -27.08
N GLN C 22 -4.08 -1.25 -25.88
CA GLN C 22 -3.39 -2.47 -25.46
C GLN C 22 -4.38 -3.60 -25.21
N SER C 23 -5.54 -3.24 -24.66
CA SER C 23 -6.60 -4.22 -24.39
C SER C 23 -7.04 -4.93 -25.67
N ILE C 24 -7.21 -4.18 -26.76
CA ILE C 24 -7.75 -4.74 -27.99
C ILE C 24 -6.71 -5.54 -28.80
N LYS C 25 -5.43 -5.20 -28.67
CA LYS C 25 -4.38 -5.92 -29.38
C LYS C 25 -4.09 -7.26 -28.70
N THR C 26 -4.01 -7.23 -27.37
CA THR C 26 -3.78 -8.42 -26.58
C THR C 26 -4.95 -9.40 -26.64
N ILE C 27 -6.17 -8.89 -26.51
CA ILE C 27 -7.36 -9.74 -26.49
C ILE C 27 -7.57 -10.47 -27.82
N ARG C 28 -7.02 -9.91 -28.90
CA ARG C 28 -7.28 -10.43 -30.24
C ARG C 28 -6.33 -11.56 -30.65
N THR C 29 -5.04 -11.42 -30.35
CA THR C 29 -4.06 -12.31 -30.94
C THR C 29 -2.77 -12.54 -30.15
N ARG C 30 -2.13 -11.46 -29.71
CA ARG C 30 -0.71 -11.50 -29.34
C ARG C 30 -0.36 -12.14 -27.99
N ASN C 31 0.94 -12.40 -27.84
CA ASN C 31 1.52 -12.95 -26.62
C ASN C 31 1.67 -11.89 -25.53
N THR C 32 1.35 -12.27 -24.30
CA THR C 32 1.48 -11.37 -23.17
C THR C 32 2.83 -11.53 -22.48
N GLU C 33 3.81 -12.00 -23.24
CA GLU C 33 5.12 -12.32 -22.69
C GLU C 33 5.85 -11.10 -22.11
N GLY C 34 5.89 -10.02 -22.88
CA GLY C 34 6.63 -8.83 -22.50
C GLY C 34 6.18 -8.13 -21.23
N ILE C 35 4.87 -8.00 -21.05
CA ILE C 35 4.34 -7.25 -19.92
C ILE C 35 4.41 -8.03 -18.61
N SER C 36 4.75 -7.33 -17.54
CA SER C 36 4.88 -7.96 -16.22
C SER C 36 3.56 -7.95 -15.46
N VAL C 37 3.19 -9.11 -14.92
CA VAL C 37 1.92 -9.26 -14.23
C VAL C 37 1.88 -8.49 -12.91
N VAL C 38 3.00 -8.49 -12.19
CA VAL C 38 3.07 -7.82 -10.89
C VAL C 38 2.82 -6.31 -11.00
N MET C 39 3.15 -5.72 -12.13
CA MET C 39 2.86 -4.30 -12.40
C MET C 39 1.36 -4.05 -12.49
N TYR C 40 0.66 -4.97 -13.11
CA TYR C 40 -0.77 -4.78 -13.39
C TYR C 40 -1.64 -4.95 -12.15
N ILE C 41 -1.32 -5.90 -11.27
CA ILE C 41 -2.08 -6.08 -10.04
C ILE C 41 -1.90 -4.86 -9.14
N MET C 42 -0.68 -4.33 -9.08
CA MET C 42 -0.39 -3.12 -8.32
C MET C 42 -1.18 -1.93 -8.84
N PHE C 43 -1.15 -1.71 -10.15
CA PHE C 43 -1.85 -0.59 -10.78
C PHE C 43 -3.35 -0.71 -10.55
N LEU C 44 -3.88 -1.91 -10.80
CA LEU C 44 -5.32 -2.14 -10.65
C LEU C 44 -5.77 -1.95 -9.21
N THR C 45 -4.89 -2.27 -8.26
CA THR C 45 -5.21 -2.09 -6.85
C THR C 45 -5.38 -0.60 -6.53
N GLY C 46 -4.49 0.23 -7.07
CA GLY C 46 -4.56 1.66 -6.87
C GLY C 46 -5.76 2.29 -7.58
N VAL C 47 -6.14 1.71 -8.71
CA VAL C 47 -7.30 2.16 -9.47
C VAL C 47 -8.58 2.07 -8.64
N ILE C 48 -8.83 0.89 -8.08
CA ILE C 48 -9.97 0.68 -7.20
C ILE C 48 -9.83 1.52 -5.94
N SER C 49 -8.58 1.77 -5.56
CA SER C 49 -8.31 2.61 -4.41
C SER C 49 -8.67 4.06 -4.73
N TRP C 50 -8.36 4.49 -5.96
CA TRP C 50 -8.76 5.81 -6.41
C TRP C 50 -10.28 5.88 -6.53
N ILE C 51 -10.89 4.78 -6.95
CA ILE C 51 -12.35 4.68 -7.03
C ILE C 51 -12.97 4.93 -5.65
N ALA C 52 -12.44 4.26 -4.64
CA ALA C 52 -12.85 4.48 -3.26
C ALA C 52 -12.62 5.94 -2.86
N TYR C 53 -11.50 6.49 -3.30
CA TYR C 53 -11.15 7.88 -3.01
C TYR C 53 -12.18 8.83 -3.61
N GLY C 54 -12.63 8.53 -4.83
CA GLY C 54 -13.66 9.32 -5.48
C GLY C 54 -14.99 9.26 -4.76
N ILE C 55 -15.32 8.08 -4.22
CA ILE C 55 -16.56 7.89 -3.49
C ILE C 55 -16.54 8.69 -2.18
N MET C 56 -15.46 8.56 -1.42
CA MET C 56 -15.35 9.18 -0.11
C MET C 56 -15.12 10.69 -0.19
N ARG C 57 -14.47 11.14 -1.26
CA ARG C 57 -14.23 12.56 -1.45
C ARG C 57 -15.37 13.21 -2.22
N SER C 58 -16.40 12.43 -2.53
CA SER C 58 -17.54 12.87 -3.33
C SER C 58 -17.08 13.45 -4.67
N ASP C 59 -16.19 12.73 -5.33
CA ASP C 59 -15.62 13.16 -6.60
C ASP C 59 -16.03 12.19 -7.71
N PHE C 60 -16.77 12.69 -8.69
CA PHE C 60 -17.29 11.84 -9.76
C PHE C 60 -16.36 11.85 -10.97
N ALA C 61 -15.49 12.84 -11.03
CA ALA C 61 -14.50 12.93 -12.10
C ALA C 61 -13.42 11.88 -11.92
N VAL C 62 -12.85 11.83 -10.72
CA VAL C 62 -11.88 10.81 -10.36
C VAL C 62 -12.53 9.44 -10.43
N LEU C 63 -13.77 9.36 -9.98
CA LEU C 63 -14.54 8.13 -9.98
C LEU C 63 -14.68 7.57 -11.39
N ILE C 64 -15.16 8.40 -12.30
CA ILE C 64 -15.48 7.92 -13.65
C ILE C 64 -14.21 7.67 -14.46
N ALA C 65 -13.12 8.35 -14.10
CA ALA C 65 -11.87 8.20 -14.82
C ALA C 65 -11.25 6.84 -14.54
N ASN C 66 -11.09 6.55 -13.26
CA ASN C 66 -10.49 5.30 -12.83
C ASN C 66 -11.39 4.09 -13.12
N ILE C 67 -12.71 4.28 -13.14
CA ILE C 67 -13.62 3.17 -13.36
C ILE C 67 -13.71 2.82 -14.85
N VAL C 68 -13.39 3.77 -15.71
CA VAL C 68 -13.36 3.50 -17.15
C VAL C 68 -12.08 2.74 -17.47
N THR C 69 -10.97 3.14 -16.87
CA THR C 69 -9.73 2.39 -17.01
C THR C 69 -9.70 1.21 -16.03
N LEU C 70 -10.84 0.94 -15.39
CA LEU C 70 -11.02 -0.32 -14.70
C LEU C 70 -11.52 -1.35 -15.70
N PHE C 71 -12.56 -0.97 -16.44
CA PHE C 71 -13.15 -1.83 -17.47
C PHE C 71 -12.19 -2.11 -18.62
N LEU C 72 -11.49 -1.07 -19.07
CA LEU C 72 -10.70 -1.16 -20.29
C LEU C 72 -9.22 -1.45 -20.06
N ALA C 73 -8.86 -1.82 -18.83
CA ALA C 73 -7.47 -2.17 -18.55
C ALA C 73 -7.39 -3.54 -17.87
N ALA C 74 -8.47 -3.93 -17.21
CA ALA C 74 -8.56 -5.24 -16.56
C ALA C 74 -8.40 -6.45 -17.50
N PRO C 75 -8.97 -6.42 -18.72
CA PRO C 75 -8.81 -7.60 -19.59
C PRO C 75 -7.35 -7.96 -19.86
N VAL C 76 -6.46 -6.97 -19.84
CA VAL C 76 -5.04 -7.22 -20.01
C VAL C 76 -4.52 -8.07 -18.85
N LEU C 77 -5.01 -7.79 -17.66
CA LEU C 77 -4.60 -8.54 -16.47
C LEU C 77 -5.16 -9.96 -16.47
N VAL C 78 -6.42 -10.09 -16.90
CA VAL C 78 -7.08 -11.40 -16.95
C VAL C 78 -6.33 -12.37 -17.86
N ILE C 79 -5.89 -11.88 -19.00
CA ILE C 79 -5.18 -12.68 -19.98
C ILE C 79 -3.80 -13.08 -19.45
N THR C 80 -3.10 -12.15 -18.79
CA THR C 80 -1.78 -12.45 -18.24
C THR C 80 -1.86 -13.50 -17.12
N LEU C 81 -2.96 -13.49 -16.38
CA LEU C 81 -3.19 -14.50 -15.34
C LEU C 81 -3.27 -15.90 -15.94
N ILE C 82 -4.07 -16.05 -16.99
CA ILE C 82 -4.28 -17.33 -17.65
C ILE C 82 -2.99 -17.87 -18.27
N ASN C 83 -2.25 -17.00 -18.93
CA ASN C 83 -0.98 -17.34 -19.56
C ASN C 83 0.05 -17.81 -18.53
N ARG C 84 0.07 -17.14 -17.39
CA ARG C 84 0.95 -17.51 -16.29
C ARG C 84 0.57 -18.87 -15.70
N ARG C 85 -0.74 -19.09 -15.56
CA ARG C 85 -1.25 -20.34 -15.03
C ARG C 85 -1.01 -21.49 -16.00
N LYS C 86 -1.16 -21.21 -17.28
CA LYS C 86 -0.95 -22.21 -18.32
C LYS C 86 0.51 -22.65 -18.38
N LYS C 87 1.42 -21.70 -18.21
CA LYS C 87 2.85 -21.97 -18.26
C LYS C 87 3.30 -22.83 -17.07
N HIS C 88 2.83 -22.47 -15.88
CA HIS C 88 3.19 -23.17 -14.65
C HIS C 88 2.68 -24.60 -14.63
N VAL C 89 1.46 -24.79 -15.14
CA VAL C 89 0.84 -26.10 -15.22
C VAL C 89 1.58 -27.00 -16.20
N LEU C 90 2.04 -26.41 -17.30
CA LEU C 90 2.79 -27.13 -18.31
C LEU C 90 4.18 -27.52 -17.80
N GLU C 91 4.75 -26.67 -16.94
CA GLU C 91 6.07 -26.92 -16.38
C GLU C 91 6.04 -28.06 -15.37
N SER C 92 4.96 -28.12 -14.59
CA SER C 92 4.80 -29.15 -13.57
C SER C 92 4.68 -30.54 -14.20
N MET D 1 -11.69 11.74 8.12
CA MET D 1 -10.78 12.59 7.38
C MET D 1 -9.46 11.88 7.07
N ASP D 2 -8.70 11.56 8.13
CA ASP D 2 -7.37 11.00 7.98
C ASP D 2 -7.40 9.66 7.24
N THR D 3 -8.56 9.01 7.22
CA THR D 3 -8.73 7.77 6.46
C THR D 3 -8.82 8.08 4.96
N ILE D 4 -9.27 9.29 4.63
CA ILE D 4 -9.36 9.71 3.24
C ILE D 4 -7.98 10.10 2.71
N LEU D 5 -7.12 10.56 3.61
CA LEU D 5 -5.74 10.84 3.24
C LEU D 5 -5.03 9.51 3.00
N LEU D 6 -5.25 8.57 3.92
CA LEU D 6 -4.70 7.23 3.84
C LEU D 6 -4.87 6.63 2.45
N THR D 7 -6.10 6.64 1.96
CA THR D 7 -6.42 6.02 0.68
C THR D 7 -5.78 6.74 -0.50
N GLY D 8 -5.75 8.08 -0.45
CA GLY D 8 -5.16 8.87 -1.50
C GLY D 8 -3.68 8.57 -1.69
N LEU D 9 -2.93 8.57 -0.59
CA LEU D 9 -1.51 8.23 -0.62
C LEU D 9 -1.31 6.77 -1.02
N PHE D 10 -2.16 5.90 -0.52
CA PHE D 10 -2.13 4.48 -0.86
C PHE D 10 -2.42 4.26 -2.34
N ALA D 11 -3.34 5.06 -2.88
CA ALA D 11 -3.69 4.96 -4.29
C ALA D 11 -2.63 5.60 -5.17
N ALA D 12 -2.12 6.75 -4.74
CA ALA D 12 -1.08 7.46 -5.46
C ALA D 12 0.13 6.57 -5.63
N PHE D 13 0.57 5.97 -4.54
CA PHE D 13 1.72 5.06 -4.53
C PHE D 13 1.63 4.06 -5.67
N PHE D 14 0.67 3.14 -5.58
CA PHE D 14 0.51 2.06 -6.55
C PHE D 14 0.57 2.54 -8.00
N THR D 15 -0.31 3.47 -8.36
CA THR D 15 -0.40 3.94 -9.74
C THR D 15 0.92 4.52 -10.26
N THR D 16 1.70 5.14 -9.37
CA THR D 16 2.97 5.73 -9.77
C THR D 16 4.17 4.83 -9.42
N PHE D 17 3.89 3.70 -8.77
CA PHE D 17 4.95 2.76 -8.41
C PHE D 17 4.71 1.35 -8.98
N ALA D 18 3.57 1.16 -9.63
CA ALA D 18 3.28 -0.11 -10.28
C ALA D 18 4.27 -0.35 -11.42
N PHE D 19 4.72 0.73 -12.05
CA PHE D 19 5.57 0.63 -13.23
C PHE D 19 7.02 0.31 -12.90
N ALA D 20 7.39 0.45 -11.63
CA ALA D 20 8.75 0.11 -11.20
C ALA D 20 9.04 -1.38 -11.38
N PRO D 21 8.06 -2.26 -11.06
CA PRO D 21 8.26 -3.65 -11.47
C PRO D 21 8.34 -3.84 -12.99
N GLN D 22 7.49 -3.18 -13.75
CA GLN D 22 7.40 -3.44 -15.20
C GLN D 22 8.69 -3.11 -15.93
N SER D 23 9.33 -2.00 -15.55
CA SER D 23 10.59 -1.60 -16.16
C SER D 23 11.62 -2.72 -16.11
N ILE D 24 11.99 -3.13 -14.89
CA ILE D 24 12.99 -4.17 -14.66
C ILE D 24 12.80 -5.41 -15.53
N LYS D 25 11.58 -5.95 -15.55
CA LYS D 25 11.27 -7.11 -16.39
C LYS D 25 11.60 -6.83 -17.85
N THR D 26 11.11 -5.70 -18.36
CA THR D 26 11.38 -5.31 -19.74
C THR D 26 12.82 -4.82 -19.88
N ILE D 27 13.42 -4.39 -18.78
CA ILE D 27 14.83 -4.01 -18.81
C ILE D 27 15.70 -5.26 -18.79
N ARG D 28 15.38 -6.19 -17.91
CA ARG D 28 16.16 -7.43 -17.79
C ARG D 28 15.96 -8.35 -19.00
N THR D 29 14.72 -8.75 -19.25
CA THR D 29 14.42 -9.66 -20.36
C THR D 29 14.66 -9.00 -21.71
N ARG D 30 14.54 -7.68 -21.75
CA ARG D 30 14.69 -6.90 -22.98
C ARG D 30 13.75 -7.38 -24.08
N ASN D 31 12.62 -7.95 -23.67
CA ASN D 31 11.63 -8.47 -24.61
C ASN D 31 10.38 -7.61 -24.66
N THR D 32 10.34 -6.68 -25.61
CA THR D 32 9.24 -5.75 -25.75
C THR D 32 7.96 -6.43 -26.22
N GLU D 33 8.05 -7.06 -27.39
CA GLU D 33 6.91 -7.75 -28.00
C GLU D 33 6.35 -8.84 -27.10
N GLY D 34 5.03 -8.80 -26.87
CA GLY D 34 4.19 -7.79 -27.50
C GLY D 34 3.54 -6.83 -26.52
N ILE D 35 4.17 -5.68 -26.32
CA ILE D 35 3.60 -4.61 -25.50
C ILE D 35 3.16 -3.47 -26.39
N SER D 36 1.89 -3.06 -26.27
CA SER D 36 1.33 -2.02 -27.12
C SER D 36 2.06 -0.69 -26.97
N VAL D 37 2.84 -0.34 -27.97
CA VAL D 37 3.63 0.89 -27.95
C VAL D 37 2.72 2.12 -28.00
N VAL D 38 1.66 2.05 -28.81
CA VAL D 38 0.72 3.16 -28.94
C VAL D 38 0.05 3.46 -27.59
N MET D 39 -0.22 2.41 -26.83
CA MET D 39 -0.72 2.55 -25.47
C MET D 39 0.27 3.31 -24.59
N TYR D 40 1.55 2.99 -24.73
CA TYR D 40 2.58 3.56 -23.88
C TYR D 40 2.83 5.03 -24.18
N ILE D 41 2.62 5.42 -25.43
CA ILE D 41 2.78 6.83 -25.80
C ILE D 41 1.61 7.64 -25.24
N MET D 42 0.40 7.12 -25.37
CA MET D 42 -0.80 7.78 -24.87
C MET D 42 -0.71 8.05 -23.38
N PHE D 43 -0.34 7.02 -22.60
CA PHE D 43 -0.23 7.15 -21.15
C PHE D 43 0.88 8.13 -20.77
N LEU D 44 2.02 7.99 -21.42
CA LEU D 44 3.19 8.80 -21.05
C LEU D 44 2.96 10.28 -21.37
N THR D 45 2.31 10.56 -22.49
CA THR D 45 2.02 11.94 -22.87
C THR D 45 1.08 12.60 -21.87
N GLY D 46 0.09 11.86 -21.39
CA GLY D 46 -0.83 12.38 -20.40
C GLY D 46 -0.18 12.56 -19.05
N VAL D 47 0.84 11.74 -18.79
CA VAL D 47 1.61 11.82 -17.54
C VAL D 47 2.41 13.11 -17.50
N ILE D 48 3.06 13.44 -18.61
CA ILE D 48 3.80 14.69 -18.74
C ILE D 48 2.83 15.87 -18.63
N SER D 49 1.58 15.65 -19.02
CA SER D 49 0.55 16.68 -18.91
C SER D 49 0.15 16.89 -17.46
N TRP D 50 0.08 15.79 -16.71
CA TRP D 50 -0.20 15.83 -15.27
C TRP D 50 0.87 16.65 -14.55
N ILE D 51 2.11 16.46 -14.96
CA ILE D 51 3.23 17.25 -14.46
C ILE D 51 2.97 18.74 -14.70
N ALA D 52 2.63 19.08 -15.93
CA ALA D 52 2.32 20.45 -16.30
C ALA D 52 1.10 20.95 -15.55
N TYR D 53 0.13 20.06 -15.32
CA TYR D 53 -1.05 20.41 -14.55
C TYR D 53 -0.67 20.76 -13.12
N GLY D 54 0.29 20.01 -12.58
CA GLY D 54 0.79 20.25 -11.24
C GLY D 54 1.49 21.60 -11.12
N ILE D 55 2.23 21.97 -12.17
CA ILE D 55 2.95 23.24 -12.17
C ILE D 55 1.99 24.43 -12.27
N MET D 56 0.98 24.30 -13.11
CA MET D 56 -0.02 25.36 -13.30
C MET D 56 -0.88 25.56 -12.06
N ARG D 57 -1.04 24.50 -11.27
CA ARG D 57 -1.96 24.51 -10.14
C ARG D 57 -1.21 24.56 -8.81
N SER D 58 0.08 24.20 -8.85
CA SER D 58 0.91 24.07 -7.64
C SER D 58 0.35 22.99 -6.71
N ASP D 59 0.33 21.76 -7.20
CA ASP D 59 -0.01 20.60 -6.40
C ASP D 59 1.18 19.64 -6.40
N PHE D 60 1.98 19.71 -5.35
CA PHE D 60 3.25 19.00 -5.29
C PHE D 60 3.09 17.49 -5.15
N ALA D 61 1.96 17.06 -4.59
CA ALA D 61 1.66 15.63 -4.49
C ALA D 61 1.49 15.02 -5.88
N VAL D 62 0.71 15.70 -6.71
CA VAL D 62 0.47 15.27 -8.08
C VAL D 62 1.75 15.42 -8.91
N LEU D 63 2.48 16.51 -8.64
CA LEU D 63 3.72 16.81 -9.37
C LEU D 63 4.78 15.73 -9.17
N ILE D 64 5.10 15.40 -7.92
CA ILE D 64 6.19 14.46 -7.64
C ILE D 64 5.81 13.03 -8.02
N ALA D 65 4.53 12.71 -8.00
CA ALA D 65 4.04 11.37 -8.31
C ALA D 65 4.20 11.05 -9.79
N ASN D 66 3.81 12.01 -10.62
CA ASN D 66 3.89 11.88 -12.08
C ASN D 66 5.29 12.15 -12.60
N ILE D 67 6.07 12.93 -11.86
CA ILE D 67 7.46 13.20 -12.25
C ILE D 67 8.31 11.97 -11.89
N VAL D 68 7.82 11.16 -10.96
CA VAL D 68 8.49 9.92 -10.60
C VAL D 68 7.99 8.80 -11.51
N THR D 69 6.70 8.81 -11.82
CA THR D 69 6.13 7.87 -12.78
C THR D 69 6.78 8.03 -14.15
N LEU D 70 7.25 9.24 -14.44
CA LEU D 70 7.95 9.52 -15.69
C LEU D 70 9.22 8.68 -15.77
N PHE D 71 10.02 8.73 -14.71
CA PHE D 71 11.29 8.00 -14.68
C PHE D 71 11.09 6.49 -14.68
N LEU D 72 9.97 6.04 -14.16
CA LEU D 72 9.70 4.61 -14.04
C LEU D 72 9.23 4.01 -15.36
N ALA D 73 8.28 4.69 -16.01
CA ALA D 73 7.66 4.15 -17.22
C ALA D 73 8.49 4.38 -18.48
N ALA D 74 9.21 5.49 -18.53
CA ALA D 74 9.95 5.89 -19.73
C ALA D 74 10.94 4.84 -20.29
N PRO D 75 11.73 4.17 -19.42
CA PRO D 75 12.66 3.18 -19.99
C PRO D 75 11.96 2.07 -20.76
N VAL D 76 10.74 1.71 -20.36
CA VAL D 76 9.99 0.70 -21.08
C VAL D 76 9.65 1.18 -22.49
N LEU D 77 9.30 2.46 -22.61
CA LEU D 77 8.96 3.01 -23.92
C LEU D 77 10.17 3.01 -24.85
N VAL D 78 11.32 3.45 -24.33
CA VAL D 78 12.52 3.56 -25.15
C VAL D 78 13.07 2.19 -25.54
N ILE D 79 12.65 1.15 -24.82
CA ILE D 79 13.01 -0.23 -25.15
C ILE D 79 12.05 -0.77 -26.22
N THR D 80 10.81 -0.30 -26.20
CA THR D 80 9.83 -0.72 -27.20
C THR D 80 10.06 -0.01 -28.53
N LEU D 81 10.61 1.20 -28.46
CA LEU D 81 10.91 1.97 -29.66
C LEU D 81 12.07 1.38 -30.46
N ILE D 82 13.13 0.94 -29.79
CA ILE D 82 14.28 0.36 -30.49
C ILE D 82 13.93 -1.00 -31.10
N ASN D 83 13.13 -1.79 -30.40
CA ASN D 83 12.68 -3.09 -30.89
C ASN D 83 11.73 -2.98 -32.07
N ARG D 84 10.92 -1.94 -32.08
CA ARG D 84 10.05 -1.64 -33.21
C ARG D 84 10.90 -1.21 -34.40
N ARG D 85 11.99 -0.51 -34.09
CA ARG D 85 12.92 -0.04 -35.11
C ARG D 85 13.72 -1.20 -35.68
N LYS D 86 14.17 -2.09 -34.78
CA LYS D 86 14.94 -3.26 -35.19
C LYS D 86 14.10 -4.20 -36.05
N LYS D 87 12.83 -4.37 -35.68
CA LYS D 87 11.93 -5.22 -36.45
C LYS D 87 11.63 -4.61 -37.81
N HIS D 88 11.46 -3.30 -37.86
CA HIS D 88 11.16 -2.60 -39.10
C HIS D 88 12.35 -2.65 -40.07
N VAL D 89 13.55 -2.61 -39.52
CA VAL D 89 14.77 -2.69 -40.33
C VAL D 89 14.89 -4.06 -41.00
N LEU D 90 14.41 -5.09 -40.31
CA LEU D 90 14.47 -6.45 -40.84
C LEU D 90 13.50 -6.61 -42.00
N GLU D 91 12.27 -6.15 -41.81
CA GLU D 91 11.24 -6.24 -42.83
C GLU D 91 11.18 -4.96 -43.65
#